data_5UQ3
#
_entry.id   5UQ3
#
_cell.length_a   124.650
_cell.length_b   124.650
_cell.length_c   88.490
_cell.angle_alpha   90.00
_cell.angle_beta   90.00
_cell.angle_gamma   120.00
#
_symmetry.space_group_name_H-M   'P 31 2 1'
#
loop_
_entity.id
_entity.type
_entity.pdbx_description
1 polymer 'Cyclin-dependent kinase 2'
2 polymer 'Speedy protein A'
3 polymer 'Cyclin-dependent kinase inhibitor 1B'
#
loop_
_entity_poly.entity_id
_entity_poly.type
_entity_poly.pdbx_seq_one_letter_code
_entity_poly.pdbx_strand_id
1 'polypeptide(L)'
;GEFMENFQKVEKIGEGTYGVVYKARNKLTGEVVALKKIRLDTETEGVPSTAIREISLLKELNHPNIVKLLDVIHTENKLY
LVFEFLHQDLKKFMDASALTGIPLPLIKSYLFQLLQGLAFCHSHRVLHRDLKPQNLLINTEGAIKLADFGLARAFGVPVR
TYTHEVVTLWYRAPEILLGCKYYSTAVDIWSLGCIFAEMVTRRALFPGDSEIDQLFRIFRTLGTPDEVVWPGVTSMPDYK
PSFPKWARQDFSKVVPPLDEDGRSLLSQMLHYDPNKRISAKAALAHPFFQDVTKPVPHLRL
;
A
2 'polypeptide(L)'
;GAMDPEFGPCLVIQRQDMTAFFKLFDDDLIQDFLWMDCCCKIADKYLLAMTFVYFKRAKFTISEHTRINFFIALYLANTV
EEDEEETKYEIFPWALGKNWRKLFPNFLKLRDQLWDRIDYRAIVSRRCCEEVMAIAPTHYIWQRERSVHHSGAVRNYNRD
;
B
3 'polypeptide(L)'
;GEFMSNVRVSNGSPSLERMDARQAEHPKPSACRNLFGPVDHEELTRDLEKHCRDMEEASQRKWNFDFQNHKPLEGKYEWQ
EVEKGSLPEFYYRPPRPPKGACKVPAQESQDVSGSRPAAPLIGAPANSEDTHLVDPKTDPSDSQTGLAEQCAGIRKRPAT
DDSSTQNKRANRTEENVSDGSPNAGSVEQTPKKPGLRRRQT
;
C
#
# COMPACT_ATOMS: atom_id res chain seq x y z
N TYR A 22 -24.76 -7.02 -4.36
CA TYR A 22 -23.47 -6.48 -4.78
C TYR A 22 -23.10 -6.94 -6.20
N LYS A 23 -21.81 -7.13 -6.44
CA LYS A 23 -21.25 -7.29 -7.78
C LYS A 23 -21.74 -6.06 -8.59
N ALA A 24 -22.02 -6.22 -9.88
CA ALA A 24 -22.68 -5.23 -10.74
C ALA A 24 -22.63 -5.69 -12.19
N ARG A 25 -23.30 -4.97 -13.07
CA ARG A 25 -23.09 -5.11 -14.50
C ARG A 25 -23.45 -3.80 -15.21
N ASN A 26 -22.75 -3.50 -16.29
CA ASN A 26 -23.01 -2.28 -17.05
C ASN A 26 -23.56 -2.59 -18.43
N LYS A 27 -24.83 -2.28 -18.64
CA LYS A 27 -25.48 -2.53 -19.93
C LYS A 27 -24.85 -1.69 -21.03
N LEU A 28 -24.25 -0.56 -20.65
CA LEU A 28 -23.52 0.28 -21.59
C LEU A 28 -22.03 0.17 -21.26
N THR A 29 -21.18 0.30 -22.28
CA THR A 29 -19.72 0.22 -22.15
C THR A 29 -19.22 -1.19 -21.81
N GLY A 30 -20.13 -2.08 -21.41
CA GLY A 30 -19.79 -3.47 -21.17
C GLY A 30 -18.69 -3.74 -20.15
N GLU A 31 -18.85 -3.21 -18.95
CA GLU A 31 -17.85 -3.45 -17.89
C GLU A 31 -18.53 -3.93 -16.61
N VAL A 32 -17.73 -4.49 -15.69
CA VAL A 32 -18.27 -5.03 -14.45
C VAL A 32 -17.48 -4.54 -13.23
N VAL A 33 -18.19 -4.16 -12.17
CA VAL A 33 -17.54 -3.67 -10.96
C VAL A 33 -18.02 -4.42 -9.71
N ALA A 34 -17.49 -4.04 -8.55
CA ALA A 34 -17.84 -4.70 -7.29
C ALA A 34 -17.85 -3.72 -6.11
N LEU A 35 -18.47 -4.14 -5.01
CA LEU A 35 -18.73 -3.24 -3.89
C LEU A 35 -17.66 -3.27 -2.78
N LYS A 36 -17.58 -4.38 -2.05
CA LYS A 36 -16.65 -4.52 -0.93
C LYS A 36 -16.87 -3.48 0.17
N LYS A 37 -17.92 -3.66 0.96
CA LYS A 37 -18.26 -2.74 2.04
C LYS A 37 -17.25 -2.82 3.19
N ILE A 38 -17.39 -1.94 4.17
CA ILE A 38 -16.45 -1.86 5.29
C ILE A 38 -17.12 -1.81 6.66
N ARG A 39 -17.87 -0.73 6.90
CA ARG A 39 -18.47 -0.44 8.21
C ARG A 39 -17.40 -0.27 9.28
N THR A 44 -18.60 2.44 13.62
CA THR A 44 -18.14 1.82 14.85
C THR A 44 -16.84 2.44 15.36
N GLU A 45 -16.91 3.73 15.71
CA GLU A 45 -15.79 4.44 16.31
C GLU A 45 -14.55 4.43 15.39
N GLY A 46 -14.61 5.23 14.33
CA GLY A 46 -13.44 5.52 13.53
C GLY A 46 -13.21 4.64 12.31
N VAL A 47 -12.59 5.24 11.29
CA VAL A 47 -12.26 4.54 10.06
C VAL A 47 -10.85 3.95 10.16
N PRO A 48 -10.70 2.66 9.79
CA PRO A 48 -9.41 1.94 9.83
C PRO A 48 -8.28 2.70 9.13
N SER A 49 -7.07 2.58 9.67
CA SER A 49 -5.92 3.30 9.15
C SER A 49 -5.38 2.66 7.88
N THR A 50 -5.71 1.39 7.67
CA THR A 50 -5.28 0.66 6.48
C THR A 50 -6.14 1.03 5.27
N ALA A 51 -7.42 1.24 5.51
CA ALA A 51 -8.36 1.61 4.45
C ALA A 51 -8.06 3.00 3.91
N ILE A 52 -7.66 3.90 4.78
CA ILE A 52 -7.27 5.25 4.38
C ILE A 52 -6.10 5.19 3.41
N ARG A 53 -5.14 4.33 3.69
CA ARG A 53 -3.97 4.17 2.82
C ARG A 53 -4.36 3.51 1.50
N GLU A 54 -5.13 2.43 1.59
CA GLU A 54 -5.62 1.74 0.39
C GLU A 54 -6.30 2.70 -0.57
N ILE A 55 -7.29 3.43 -0.06
CA ILE A 55 -8.07 4.36 -0.87
C ILE A 55 -7.24 5.55 -1.36
N SER A 56 -6.55 6.22 -0.45
CA SER A 56 -5.77 7.41 -0.79
C SER A 56 -4.69 7.11 -1.82
N LEU A 57 -4.11 5.92 -1.74
CA LEU A 57 -3.11 5.50 -2.72
C LEU A 57 -3.76 5.11 -4.04
N LEU A 58 -4.85 4.36 -3.98
CA LEU A 58 -5.53 3.90 -5.18
C LEU A 58 -6.10 5.07 -6.00
N LYS A 59 -6.35 6.20 -5.35
CA LYS A 59 -6.88 7.36 -6.05
C LYS A 59 -5.78 8.10 -6.78
N GLU A 60 -4.54 7.88 -6.35
CA GLU A 60 -3.38 8.50 -6.99
C GLU A 60 -2.78 7.60 -8.06
N LEU A 61 -3.25 6.36 -8.14
CA LEU A 61 -2.70 5.41 -9.10
C LEU A 61 -3.73 5.01 -10.16
N ASN A 62 -3.52 5.48 -11.39
CA ASN A 62 -4.31 5.01 -12.52
C ASN A 62 -3.42 4.28 -13.51
N HIS A 63 -3.57 2.96 -13.57
CA HIS A 63 -2.75 2.14 -14.44
C HIS A 63 -3.58 0.97 -14.98
N PRO A 64 -3.35 0.57 -16.24
CA PRO A 64 -4.09 -0.55 -16.81
C PRO A 64 -3.75 -1.87 -16.15
N ASN A 65 -2.55 -1.95 -15.57
CA ASN A 65 -2.11 -3.18 -14.93
C ASN A 65 -2.35 -3.21 -13.42
N ILE A 66 -3.03 -2.19 -12.92
CA ILE A 66 -3.39 -2.13 -11.50
C ILE A 66 -4.91 -2.06 -11.37
N VAL A 67 -5.46 -2.75 -10.37
CA VAL A 67 -6.89 -2.64 -10.11
C VAL A 67 -7.20 -1.18 -9.81
N LYS A 68 -8.36 -0.70 -10.24
CA LYS A 68 -8.66 0.71 -10.07
C LYS A 68 -9.60 0.95 -8.90
N LEU A 69 -9.85 2.22 -8.60
CA LEU A 69 -10.84 2.61 -7.61
C LEU A 69 -11.75 3.65 -8.24
N LEU A 70 -12.99 3.28 -8.49
CA LEU A 70 -13.89 4.16 -9.22
C LEU A 70 -14.51 5.24 -8.32
N ASP A 71 -15.04 4.84 -7.17
CA ASP A 71 -15.66 5.79 -6.25
C ASP A 71 -15.65 5.29 -4.81
N VAL A 72 -15.65 6.23 -3.86
CA VAL A 72 -15.69 5.90 -2.45
C VAL A 72 -16.70 6.81 -1.74
N ILE A 73 -17.58 6.21 -0.94
CA ILE A 73 -18.68 6.93 -0.31
C ILE A 73 -18.41 7.15 1.18
N HIS A 74 -19.28 7.89 1.86
CA HIS A 74 -19.37 7.84 3.31
C HIS A 74 -20.83 7.88 3.75
N THR A 75 -21.32 6.80 4.36
CA THR A 75 -22.64 6.86 4.97
C THR A 75 -22.66 6.29 6.39
N GLU A 76 -22.74 7.17 7.38
CA GLU A 76 -23.01 6.77 8.77
C GLU A 76 -22.24 5.52 9.21
N ASN A 77 -23.00 4.50 9.59
CA ASN A 77 -22.45 3.22 10.01
C ASN A 77 -21.59 2.50 8.96
N LYS A 78 -21.79 2.80 7.68
CA LYS A 78 -21.20 1.97 6.64
C LYS A 78 -20.45 2.72 5.54
N LEU A 79 -19.35 2.13 5.09
CA LEU A 79 -18.57 2.66 3.96
C LEU A 79 -18.39 1.60 2.88
N TYR A 80 -18.86 1.91 1.67
CA TYR A 80 -18.65 1.04 0.52
C TYR A 80 -17.55 1.57 -0.37
N LEU A 81 -16.78 0.67 -0.95
CA LEU A 81 -15.81 1.04 -1.98
C LEU A 81 -16.39 0.68 -3.34
N VAL A 82 -15.67 0.99 -4.41
CA VAL A 82 -16.07 0.57 -5.75
C VAL A 82 -14.84 0.08 -6.51
N PHE A 83 -14.88 -1.17 -6.97
CA PHE A 83 -13.71 -1.78 -7.61
C PHE A 83 -14.03 -2.39 -8.95
N GLU A 84 -13.12 -2.21 -9.92
CA GLU A 84 -13.19 -2.92 -11.17
C GLU A 84 -13.15 -4.42 -10.89
N PHE A 85 -14.12 -5.17 -11.40
CA PHE A 85 -14.23 -6.57 -11.03
C PHE A 85 -13.52 -7.48 -12.02
N LEU A 86 -12.40 -8.04 -11.57
CA LEU A 86 -11.75 -9.13 -12.28
C LEU A 86 -12.39 -10.47 -11.91
N HIS A 87 -12.30 -11.45 -12.80
CA HIS A 87 -13.01 -12.72 -12.61
C HIS A 87 -12.34 -13.65 -11.58
N GLN A 88 -11.02 -13.93 -11.65
CA GLN A 88 -10.42 -14.51 -10.44
C GLN A 88 -9.07 -14.02 -10.06
N ASP A 89 -8.65 -14.53 -8.91
CA ASP A 89 -7.35 -14.31 -8.37
C ASP A 89 -6.35 -15.36 -8.89
N LEU A 90 -5.11 -15.25 -8.45
CA LEU A 90 -4.07 -16.10 -8.99
C LEU A 90 -4.03 -17.49 -8.34
N LYS A 91 -4.20 -17.55 -7.01
CA LYS A 91 -4.24 -18.85 -6.33
C LYS A 91 -5.23 -19.84 -6.92
N LYS A 92 -6.49 -19.44 -7.01
CA LYS A 92 -7.53 -20.33 -7.51
C LYS A 92 -7.28 -20.69 -8.97
N PHE A 93 -6.53 -19.84 -9.68
CA PHE A 93 -6.09 -20.15 -11.03
C PHE A 93 -4.88 -21.08 -11.00
N MET A 94 -4.04 -20.92 -9.99
CA MET A 94 -2.91 -21.83 -9.79
C MET A 94 -3.41 -23.13 -9.19
N ASP A 95 -4.42 -23.02 -8.33
CA ASP A 95 -5.10 -24.18 -7.78
C ASP A 95 -5.97 -24.82 -8.86
N ALA A 96 -6.26 -24.06 -9.91
CA ALA A 96 -7.00 -24.58 -11.04
C ALA A 96 -6.22 -25.69 -11.72
N SER A 97 -4.92 -25.50 -11.90
CA SER A 97 -4.11 -26.60 -12.39
C SER A 97 -2.87 -26.88 -11.54
N ALA A 98 -2.92 -27.95 -10.77
CA ALA A 98 -1.73 -28.67 -10.35
C ALA A 98 -1.39 -29.70 -11.41
N LEU A 99 -2.44 -30.36 -11.90
CA LEU A 99 -2.32 -31.49 -12.83
C LEU A 99 -1.60 -31.12 -14.11
N THR A 100 -2.13 -30.15 -14.83
CA THR A 100 -1.39 -29.55 -15.93
C THR A 100 -0.72 -28.30 -15.41
N GLY A 101 0.06 -27.65 -16.26
CA GLY A 101 0.77 -26.46 -15.84
C GLY A 101 0.14 -25.18 -16.37
N ILE A 102 0.97 -24.18 -16.57
CA ILE A 102 0.57 -22.97 -17.24
C ILE A 102 1.49 -22.80 -18.43
N PRO A 103 0.94 -22.40 -19.59
CA PRO A 103 1.80 -22.15 -20.75
C PRO A 103 2.84 -21.08 -20.44
N LEU A 104 4.10 -21.35 -20.77
CA LEU A 104 5.19 -20.43 -20.48
C LEU A 104 4.98 -19.03 -21.07
N PRO A 105 4.41 -18.92 -22.28
CA PRO A 105 4.09 -17.57 -22.74
C PRO A 105 3.08 -16.86 -21.84
N LEU A 106 2.12 -17.59 -21.29
CA LEU A 106 1.13 -17.01 -20.39
C LEU A 106 1.81 -16.51 -19.12
N ILE A 107 2.73 -17.31 -18.58
CA ILE A 107 3.50 -16.93 -17.41
C ILE A 107 4.32 -15.67 -17.69
N LYS A 108 4.96 -15.65 -18.86
CA LYS A 108 5.75 -14.50 -19.28
C LYS A 108 4.90 -13.24 -19.37
N SER A 109 3.69 -13.39 -19.90
CA SER A 109 2.75 -12.28 -20.01
C SER A 109 2.37 -11.76 -18.64
N TYR A 110 1.96 -12.67 -17.75
CA TYR A 110 1.54 -12.33 -16.41
C TYR A 110 2.64 -11.61 -15.63
N LEU A 111 3.86 -12.17 -15.69
CA LEU A 111 4.98 -11.61 -14.96
C LEU A 111 5.42 -10.27 -15.54
N PHE A 112 5.40 -10.14 -16.86
CA PHE A 112 5.74 -8.88 -17.52
C PHE A 112 4.75 -7.80 -17.11
N GLN A 113 3.47 -8.18 -17.08
CA GLN A 113 2.41 -7.29 -16.64
C GLN A 113 2.63 -6.83 -15.21
N LEU A 114 2.80 -7.80 -14.31
CA LEU A 114 3.03 -7.51 -12.90
C LEU A 114 4.23 -6.57 -12.71
N LEU A 115 5.31 -6.85 -13.44
CA LEU A 115 6.51 -6.03 -13.37
C LEU A 115 6.27 -4.62 -13.91
N GLN A 116 5.36 -4.51 -14.88
CA GLN A 116 5.04 -3.21 -15.46
C GLN A 116 4.23 -2.35 -14.48
N GLY A 117 3.16 -2.92 -13.95
CA GLY A 117 2.35 -2.22 -12.97
C GLY A 117 3.14 -1.89 -11.71
N LEU A 118 4.04 -2.80 -11.36
CA LEU A 118 4.90 -2.61 -10.19
C LEU A 118 5.96 -1.56 -10.49
N ALA A 119 6.29 -1.40 -11.76
CA ALA A 119 7.20 -0.33 -12.18
C ALA A 119 6.48 1.00 -12.05
N PHE A 120 5.18 0.99 -12.32
CA PHE A 120 4.37 2.19 -12.14
C PHE A 120 4.22 2.51 -10.66
N CYS A 121 4.13 1.48 -9.83
CA CYS A 121 4.02 1.68 -8.39
C CYS A 121 5.31 2.21 -7.77
N HIS A 122 6.40 1.49 -8.01
CA HIS A 122 7.69 1.80 -7.40
C HIS A 122 8.19 3.16 -7.80
N SER A 123 8.18 3.41 -9.11
CA SER A 123 8.71 4.66 -9.62
C SER A 123 7.94 5.86 -9.07
N HIS A 124 6.64 5.76 -8.80
CA HIS A 124 6.14 6.95 -8.17
C HIS A 124 5.39 6.66 -6.89
N ARG A 125 6.07 7.12 -5.82
CA ARG A 125 5.63 7.26 -4.42
C ARG A 125 4.81 6.12 -3.84
N VAL A 126 5.14 4.89 -4.19
CA VAL A 126 4.38 3.75 -3.70
C VAL A 126 5.24 2.52 -3.41
N LEU A 127 5.04 1.95 -2.23
CA LEU A 127 5.51 0.61 -1.90
C LEU A 127 4.31 -0.23 -1.45
N HIS A 128 4.11 -1.37 -2.12
CA HIS A 128 2.98 -2.23 -1.79
C HIS A 128 3.19 -2.91 -0.44
N ARG A 129 4.33 -3.57 -0.30
CA ARG A 129 4.71 -4.32 0.90
C ARG A 129 3.72 -5.42 1.25
N ASP A 130 2.89 -5.82 0.28
CA ASP A 130 2.24 -7.12 0.30
C ASP A 130 2.14 -7.64 -1.12
N LEU A 131 2.74 -8.78 -1.40
CA LEU A 131 2.50 -9.43 -2.69
C LEU A 131 2.28 -10.92 -2.52
N LYS A 132 1.05 -11.34 -2.79
CA LYS A 132 0.69 -12.75 -2.79
C LYS A 132 -0.43 -12.96 -3.81
N PRO A 133 -0.50 -14.17 -4.39
CA PRO A 133 -1.44 -14.48 -5.48
C PRO A 133 -2.90 -14.09 -5.21
N GLN A 134 -3.36 -14.10 -3.96
CA GLN A 134 -4.72 -13.65 -3.66
C GLN A 134 -4.84 -12.14 -3.77
N ASN A 135 -3.70 -11.44 -3.78
CA ASN A 135 -3.69 -10.00 -4.04
C ASN A 135 -3.45 -9.72 -5.52
N LEU A 136 -3.39 -10.78 -6.32
CA LEU A 136 -3.22 -10.62 -7.76
C LEU A 136 -4.44 -11.15 -8.50
N LEU A 137 -5.17 -10.24 -9.13
CA LEU A 137 -6.42 -10.57 -9.80
C LEU A 137 -6.21 -10.80 -11.29
N ILE A 138 -6.95 -11.74 -11.88
CA ILE A 138 -6.83 -12.00 -13.32
C ILE A 138 -8.20 -12.03 -13.99
N ASN A 139 -8.20 -11.97 -15.32
CA ASN A 139 -9.43 -12.03 -16.10
C ASN A 139 -9.33 -12.99 -17.29
N THR A 140 -10.37 -13.01 -18.11
CA THR A 140 -10.42 -13.91 -19.26
C THR A 140 -9.72 -13.35 -20.49
N GLU A 141 -9.41 -12.05 -20.45
CA GLU A 141 -8.80 -11.38 -21.58
C GLU A 141 -7.28 -11.48 -21.53
N GLY A 142 -6.78 -12.22 -20.56
CA GLY A 142 -5.35 -12.43 -20.41
C GLY A 142 -4.64 -11.26 -19.78
N ALA A 143 -5.28 -10.67 -18.76
CA ALA A 143 -4.67 -9.58 -18.02
C ALA A 143 -4.59 -9.91 -16.54
N ILE A 144 -3.58 -9.37 -15.86
CA ILE A 144 -3.42 -9.56 -14.42
C ILE A 144 -3.06 -8.24 -13.75
N LYS A 145 -3.71 -7.94 -12.64
CA LYS A 145 -3.54 -6.66 -11.96
C LYS A 145 -3.31 -6.82 -10.46
N LEU A 146 -2.64 -5.83 -9.87
CA LEU A 146 -2.35 -5.82 -8.44
C LEU A 146 -3.57 -5.42 -7.63
N ALA A 147 -3.66 -5.95 -6.41
CA ALA A 147 -4.79 -5.63 -5.51
C ALA A 147 -4.32 -5.49 -4.07
N ASP A 148 -5.22 -5.01 -3.21
CA ASP A 148 -4.98 -4.92 -1.77
C ASP A 148 -3.78 -4.04 -1.40
N PHE A 149 -3.96 -2.73 -1.54
CA PHE A 149 -2.95 -1.75 -1.14
C PHE A 149 -3.09 -1.38 0.33
N GLY A 150 -3.95 -2.10 1.04
CA GLY A 150 -4.20 -1.86 2.45
C GLY A 150 -2.95 -1.70 3.31
N LEU A 151 -1.90 -2.47 3.00
CA LEU A 151 -0.64 -2.37 3.72
C LEU A 151 0.36 -1.48 2.99
N ALA A 152 -0.02 -0.97 1.83
CA ALA A 152 0.87 -0.12 1.03
C ALA A 152 1.00 1.27 1.63
N ARG A 153 2.06 1.97 1.25
CA ARG A 153 2.28 3.34 1.70
C ARG A 153 3.09 4.15 0.69
N ALA A 154 3.33 5.42 1.01
CA ALA A 154 4.13 6.30 0.17
C ALA A 154 5.53 6.51 0.75
N PHE A 155 6.54 6.13 -0.02
CA PHE A 155 7.93 6.20 0.44
C PHE A 155 8.65 7.47 -0.01
N GLY A 156 7.93 8.34 -0.72
CA GLY A 156 8.51 9.56 -1.24
C GLY A 156 9.06 10.50 -0.18
N VAL A 157 8.22 10.86 0.77
CA VAL A 157 8.62 11.71 1.89
C VAL A 157 9.69 10.99 2.70
N PRO A 158 10.86 11.63 2.88
CA PRO A 158 11.99 10.97 3.56
C PRO A 158 11.79 10.83 5.06
N VAL A 159 12.75 10.17 5.71
CA VAL A 159 12.79 9.94 7.17
C VAL A 159 11.39 9.62 7.76
N ARG A 160 10.85 8.47 7.37
CA ARG A 160 9.55 8.04 7.88
C ARG A 160 9.69 6.90 8.88
N THR A 161 8.55 6.45 9.41
CA THR A 161 8.52 5.28 10.29
C THR A 161 8.03 4.07 9.50
N TYR A 162 8.62 2.90 9.79
CA TYR A 162 8.27 1.66 9.09
C TYR A 162 8.16 0.50 10.09
N THR A 163 7.06 -0.26 10.03
CA THR A 163 6.90 -1.51 10.78
C THR A 163 7.72 -2.55 10.03
N HIS A 164 8.49 -3.41 10.69
CA HIS A 164 9.16 -4.39 9.86
C HIS A 164 8.40 -5.74 9.83
N GLU A 165 7.17 -5.81 10.33
CA GLU A 165 6.28 -6.88 9.86
C GLU A 165 5.44 -6.31 8.72
N VAL A 166 5.71 -6.78 7.51
CA VAL A 166 5.16 -6.13 6.30
C VAL A 166 4.34 -7.03 5.37
N VAL A 167 4.99 -7.91 4.61
CA VAL A 167 4.28 -8.76 3.67
C VAL A 167 3.80 -10.00 4.39
N THR A 168 3.08 -10.87 3.69
CA THR A 168 2.48 -12.04 4.34
C THR A 168 3.31 -13.30 4.18
N LEU A 169 3.86 -13.77 5.30
CA LEU A 169 4.41 -15.11 5.44
C LEU A 169 5.50 -15.45 4.41
N TRP A 170 5.20 -16.41 3.55
CA TRP A 170 6.18 -17.05 2.66
C TRP A 170 6.90 -16.10 1.68
N TYR A 171 6.30 -14.95 1.42
CA TYR A 171 6.81 -14.04 0.41
C TYR A 171 7.74 -12.96 0.97
N ARG A 172 8.07 -13.07 2.25
CA ARG A 172 8.90 -12.07 2.93
C ARG A 172 10.33 -12.03 2.40
N ALA A 173 10.85 -10.81 2.29
CA ALA A 173 12.24 -10.60 1.90
C ALA A 173 13.16 -10.88 3.09
N PRO A 174 14.37 -11.39 2.81
CA PRO A 174 15.31 -11.74 3.90
C PRO A 174 15.70 -10.55 4.75
N GLU A 175 16.00 -9.42 4.13
CA GLU A 175 16.45 -8.24 4.87
C GLU A 175 15.42 -7.80 5.91
N ILE A 176 14.13 -7.91 5.57
CA ILE A 176 13.07 -7.62 6.54
C ILE A 176 12.81 -8.81 7.45
N LEU A 177 13.12 -10.01 6.97
CA LEU A 177 13.01 -11.20 7.81
C LEU A 177 14.02 -11.09 8.97
N LEU A 178 15.20 -10.57 8.65
CA LEU A 178 16.13 -10.11 9.69
C LEU A 178 15.80 -8.66 10.01
N GLY A 179 16.51 -8.05 10.95
CA GLY A 179 16.30 -6.63 11.20
C GLY A 179 16.85 -5.75 10.09
N CYS A 180 16.00 -4.90 9.52
CA CYS A 180 16.44 -3.87 8.60
C CYS A 180 15.61 -2.60 8.73
N LYS A 181 16.27 -1.45 8.76
CA LYS A 181 15.57 -0.18 8.87
C LYS A 181 15.66 0.59 7.55
N TYR A 182 14.61 1.31 7.22
CA TYR A 182 14.51 2.10 6.00
C TYR A 182 14.66 1.21 4.76
N TYR A 183 13.98 0.07 4.77
CA TYR A 183 13.98 -0.83 3.63
C TYR A 183 13.36 -0.17 2.40
N SER A 184 14.03 -0.35 1.26
CA SER A 184 13.63 0.31 0.02
C SER A 184 12.68 -0.55 -0.81
N THR A 185 12.48 -0.15 -2.06
CA THR A 185 11.57 -0.82 -2.99
C THR A 185 11.93 -2.29 -3.25
N ALA A 186 13.15 -2.68 -2.87
CA ALA A 186 13.67 -4.00 -3.20
C ALA A 186 12.91 -5.14 -2.54
N VAL A 187 12.00 -4.81 -1.63
CA VAL A 187 11.27 -5.82 -0.88
C VAL A 187 10.11 -6.41 -1.69
N ASP A 188 9.58 -5.64 -2.63
CA ASP A 188 8.48 -6.11 -3.46
C ASP A 188 8.97 -7.12 -4.50
N ILE A 189 10.08 -6.78 -5.15
CA ILE A 189 10.69 -7.63 -6.17
C ILE A 189 10.86 -9.06 -5.68
N TRP A 190 11.44 -9.20 -4.49
CA TRP A 190 11.62 -10.50 -3.86
C TRP A 190 10.32 -11.29 -3.86
N SER A 191 9.24 -10.65 -3.42
CA SER A 191 7.94 -11.29 -3.36
C SER A 191 7.55 -11.81 -4.74
N LEU A 192 7.74 -10.98 -5.75
CA LEU A 192 7.44 -11.37 -7.13
C LEU A 192 8.23 -12.62 -7.51
N GLY A 193 9.48 -12.68 -7.08
CA GLY A 193 10.30 -13.86 -7.28
C GLY A 193 9.61 -15.06 -6.65
N CYS A 194 9.21 -14.89 -5.39
CA CYS A 194 8.50 -15.94 -4.68
C CYS A 194 7.19 -16.27 -5.36
N ILE A 195 6.63 -15.29 -6.08
CA ILE A 195 5.44 -15.52 -6.88
C ILE A 195 5.83 -16.24 -8.18
N PHE A 196 6.93 -15.78 -8.79
CA PHE A 196 7.42 -16.33 -10.05
C PHE A 196 7.52 -17.85 -9.96
N ALA A 197 8.39 -18.32 -9.07
CA ALA A 197 8.57 -19.75 -8.85
C ALA A 197 7.24 -20.47 -8.64
N GLU A 198 6.31 -19.81 -7.95
CA GLU A 198 5.03 -20.44 -7.65
C GLU A 198 4.24 -20.73 -8.92
N MET A 199 4.33 -19.85 -9.91
CA MET A 199 3.62 -20.06 -11.16
C MET A 199 4.32 -21.12 -12.01
N VAL A 200 5.51 -21.53 -11.59
CA VAL A 200 6.29 -22.51 -12.33
C VAL A 200 6.20 -23.91 -11.73
N THR A 201 6.66 -24.07 -10.49
CA THR A 201 6.66 -25.37 -9.83
C THR A 201 5.26 -25.80 -9.37
N ARG A 202 4.30 -24.89 -9.54
CA ARG A 202 2.88 -25.06 -9.19
C ARG A 202 2.64 -24.97 -7.68
N ARG A 203 3.71 -25.12 -6.91
CA ARG A 203 3.60 -25.07 -5.46
C ARG A 203 4.22 -23.79 -4.90
N ALA A 204 4.18 -23.65 -3.58
CA ALA A 204 4.85 -22.54 -2.92
C ALA A 204 6.36 -22.72 -3.03
N LEU A 205 7.10 -21.61 -2.97
CA LEU A 205 8.55 -21.67 -3.04
C LEU A 205 9.12 -21.97 -1.65
N PHE A 206 8.83 -21.08 -0.71
CA PHE A 206 9.33 -21.21 0.66
C PHE A 206 8.17 -21.41 1.63
N PRO A 207 7.69 -22.65 1.77
CA PRO A 207 6.55 -22.94 2.66
C PRO A 207 6.95 -22.88 4.13
N GLY A 208 7.36 -21.70 4.59
CA GLY A 208 7.76 -21.51 5.96
C GLY A 208 6.65 -21.73 6.97
N ASP A 209 6.95 -22.49 8.00
CA ASP A 209 5.99 -22.79 9.06
C ASP A 209 5.92 -21.64 10.07
N SER A 210 6.96 -20.81 10.09
CA SER A 210 7.03 -19.66 11.00
C SER A 210 8.16 -18.72 10.59
N GLU A 211 8.42 -17.70 11.40
CA GLU A 211 9.59 -16.86 11.19
C GLU A 211 10.78 -17.71 11.63
N ILE A 212 12.01 -17.21 11.46
CA ILE A 212 13.19 -18.07 11.30
C ILE A 212 12.69 -19.13 10.31
N ASP A 213 12.90 -20.44 10.51
CA ASP A 213 12.10 -21.42 9.78
C ASP A 213 12.17 -21.13 8.29
N GLN A 214 11.11 -20.48 7.82
CA GLN A 214 11.03 -19.88 6.48
C GLN A 214 12.34 -19.26 6.03
N LEU A 215 13.05 -18.62 6.94
CA LEU A 215 14.40 -18.12 6.65
C LEU A 215 15.36 -19.26 6.34
N PHE A 216 15.32 -20.32 7.13
CA PHE A 216 16.20 -21.47 6.92
C PHE A 216 15.81 -22.25 5.67
N ARG A 217 14.59 -22.05 5.19
CA ARG A 217 14.15 -22.64 3.93
C ARG A 217 14.78 -21.87 2.79
N ILE A 218 14.81 -20.55 2.95
CA ILE A 218 15.51 -19.67 2.03
C ILE A 218 16.99 -20.05 2.00
N PHE A 219 17.51 -20.45 3.16
CA PHE A 219 18.90 -20.86 3.27
C PHE A 219 19.10 -22.23 2.64
N ARG A 220 18.04 -23.04 2.65
CA ARG A 220 18.12 -24.38 2.08
C ARG A 220 18.13 -24.33 0.56
N THR A 221 17.21 -23.58 -0.02
CA THR A 221 17.11 -23.45 -1.47
C THR A 221 18.17 -22.54 -2.07
N LEU A 222 18.29 -21.32 -1.53
CA LEU A 222 19.16 -20.30 -2.10
C LEU A 222 20.56 -20.28 -1.50
N GLY A 223 20.75 -21.02 -0.41
CA GLY A 223 22.06 -21.09 0.22
C GLY A 223 22.24 -20.14 1.38
N THR A 224 23.18 -20.46 2.27
CA THR A 224 23.46 -19.62 3.44
C THR A 224 24.26 -18.39 3.02
N PRO A 225 23.80 -17.20 3.45
CA PRO A 225 24.44 -15.93 3.11
C PRO A 225 25.85 -15.79 3.69
N ASP A 226 26.49 -14.65 3.42
CA ASP A 226 27.88 -14.40 3.80
C ASP A 226 28.24 -12.98 3.39
N GLU A 227 29.36 -12.47 3.91
CA GLU A 227 29.77 -11.10 3.58
C GLU A 227 30.29 -10.95 2.15
N VAL A 228 30.55 -12.08 1.48
CA VAL A 228 30.92 -12.04 0.08
C VAL A 228 29.70 -11.65 -0.75
N VAL A 229 28.54 -12.17 -0.37
CA VAL A 229 27.28 -11.85 -1.04
C VAL A 229 26.69 -10.53 -0.52
N TRP A 230 26.76 -10.30 0.78
CA TRP A 230 26.09 -9.17 1.41
C TRP A 230 27.08 -8.32 2.20
N PRO A 231 27.00 -6.98 2.07
CA PRO A 231 27.89 -6.12 2.87
C PRO A 231 27.59 -6.09 4.36
N GLY A 232 26.32 -5.98 4.73
CA GLY A 232 25.93 -5.76 6.11
C GLY A 232 25.26 -6.93 6.80
N VAL A 233 25.37 -8.12 6.22
CA VAL A 233 24.64 -9.30 6.70
C VAL A 233 24.90 -9.62 8.17
N THR A 234 26.13 -9.42 8.64
CA THR A 234 26.47 -9.72 10.02
C THR A 234 26.02 -8.57 10.93
N SER A 235 25.87 -7.39 10.34
CA SER A 235 25.47 -6.20 11.09
C SER A 235 23.96 -6.12 11.29
N MET A 236 23.25 -7.12 10.76
CA MET A 236 21.81 -7.22 10.96
C MET A 236 21.54 -7.77 12.36
N PRO A 237 20.65 -7.12 13.11
CA PRO A 237 20.44 -7.39 14.55
C PRO A 237 19.97 -8.81 14.88
N ASP A 238 19.00 -9.34 14.13
CA ASP A 238 18.48 -10.68 14.41
C ASP A 238 19.53 -11.74 14.09
N TYR A 239 20.41 -11.42 13.14
CA TYR A 239 21.45 -12.35 12.71
C TYR A 239 22.39 -12.76 13.83
N LYS A 240 22.55 -14.06 14.01
CA LYS A 240 23.56 -14.62 14.89
C LYS A 240 24.29 -15.73 14.14
N PRO A 241 25.61 -15.83 14.29
CA PRO A 241 26.30 -16.86 13.52
C PRO A 241 26.20 -18.23 14.15
N SER A 242 25.00 -18.62 14.56
CA SER A 242 24.71 -19.99 14.93
C SER A 242 24.01 -20.69 13.77
N PHE A 243 23.77 -19.94 12.70
CA PHE A 243 23.04 -20.45 11.55
C PHE A 243 23.79 -21.57 10.86
N PRO A 244 23.08 -22.67 10.55
CA PRO A 244 23.66 -23.79 9.79
C PRO A 244 24.05 -23.34 8.39
N LYS A 245 25.19 -23.80 7.90
CA LYS A 245 25.69 -23.38 6.60
C LYS A 245 25.17 -24.30 5.50
N TRP A 246 24.37 -23.75 4.60
CA TRP A 246 23.92 -24.48 3.43
C TRP A 246 24.49 -23.87 2.16
N ALA A 247 24.81 -24.71 1.17
CA ALA A 247 25.28 -24.23 -0.11
C ALA A 247 24.10 -23.84 -0.99
N ARG A 248 24.39 -23.34 -2.18
CA ARG A 248 23.34 -22.88 -3.08
C ARG A 248 22.88 -23.99 -4.02
N GLN A 249 21.63 -24.39 -3.88
CA GLN A 249 21.05 -25.42 -4.73
C GLN A 249 20.90 -24.91 -6.16
N ASP A 250 21.06 -25.80 -7.13
CA ASP A 250 20.94 -25.42 -8.53
C ASP A 250 19.50 -25.07 -8.87
N PHE A 251 19.32 -24.18 -9.85
CA PHE A 251 17.98 -23.74 -10.23
C PHE A 251 17.36 -24.68 -11.26
N SER A 252 18.09 -25.74 -11.62
CA SER A 252 17.52 -26.82 -12.42
C SER A 252 16.72 -27.76 -11.54
N LYS A 253 17.23 -28.01 -10.34
CA LYS A 253 16.58 -28.91 -9.40
C LYS A 253 15.39 -28.25 -8.70
N VAL A 254 15.58 -27.02 -8.24
CA VAL A 254 14.54 -26.34 -7.47
C VAL A 254 13.42 -25.77 -8.35
N VAL A 255 13.76 -25.38 -9.57
CA VAL A 255 12.75 -24.92 -10.53
C VAL A 255 13.11 -25.40 -11.96
N PRO A 256 12.83 -26.69 -12.24
CA PRO A 256 13.16 -27.29 -13.54
C PRO A 256 12.50 -26.68 -14.80
N PRO A 257 11.19 -26.37 -14.79
CA PRO A 257 10.59 -25.98 -16.07
C PRO A 257 11.14 -24.70 -16.67
N LEU A 258 11.82 -23.88 -15.87
CA LEU A 258 12.38 -22.63 -16.36
C LEU A 258 13.50 -22.85 -17.36
N ASP A 259 13.58 -21.97 -18.35
CA ASP A 259 14.69 -21.96 -19.29
C ASP A 259 15.87 -21.20 -18.70
N GLU A 260 16.96 -21.10 -19.44
CA GLU A 260 18.15 -20.42 -18.96
C GLU A 260 17.89 -18.93 -18.74
N ASP A 261 17.02 -18.36 -19.56
CA ASP A 261 16.62 -16.97 -19.40
C ASP A 261 15.79 -16.79 -18.13
N GLY A 262 14.90 -17.75 -17.86
CA GLY A 262 14.08 -17.72 -16.67
C GLY A 262 14.92 -17.76 -15.41
N ARG A 263 15.86 -18.69 -15.36
CA ARG A 263 16.80 -18.79 -14.25
C ARG A 263 17.66 -17.53 -14.16
N SER A 264 18.02 -16.98 -15.31
CA SER A 264 18.83 -15.77 -15.36
C SER A 264 18.10 -14.62 -14.69
N LEU A 265 16.81 -14.49 -14.98
CA LEU A 265 16.00 -13.44 -14.37
C LEU A 265 15.80 -13.70 -12.87
N LEU A 266 15.34 -14.90 -12.54
CA LEU A 266 15.04 -15.26 -11.15
C LEU A 266 16.25 -15.09 -10.23
N SER A 267 17.42 -15.47 -10.74
CA SER A 267 18.66 -15.42 -9.95
C SER A 267 18.95 -14.03 -9.41
N GLN A 268 18.93 -13.03 -10.29
CA GLN A 268 19.17 -11.66 -9.86
C GLN A 268 17.88 -11.02 -9.31
N MET A 269 16.77 -11.72 -9.49
CA MET A 269 15.50 -11.27 -8.93
C MET A 269 15.44 -11.62 -7.46
N LEU A 270 15.98 -12.78 -7.11
CA LEU A 270 16.15 -13.13 -5.70
C LEU A 270 17.62 -13.25 -5.34
N HIS A 271 18.13 -12.26 -4.62
CA HIS A 271 19.46 -12.35 -4.03
C HIS A 271 19.48 -11.55 -2.74
N TYR A 272 20.24 -12.04 -1.77
CA TYR A 272 20.22 -11.52 -0.41
C TYR A 272 20.54 -10.02 -0.33
N ASP A 273 21.39 -9.55 -1.22
CA ASP A 273 21.75 -8.14 -1.27
C ASP A 273 20.63 -7.31 -1.91
N PRO A 274 20.01 -6.43 -1.11
CA PRO A 274 18.93 -5.56 -1.60
C PRO A 274 19.47 -4.51 -2.57
N ASN A 275 20.74 -4.17 -2.40
CA ASN A 275 21.40 -3.18 -3.24
C ASN A 275 21.65 -3.72 -4.65
N LYS A 276 21.84 -5.03 -4.77
CA LYS A 276 22.00 -5.64 -6.09
C LYS A 276 20.66 -5.87 -6.78
N ARG A 277 19.65 -6.26 -5.99
CA ARG A 277 18.42 -6.85 -6.53
C ARG A 277 17.81 -6.02 -7.65
N ILE A 278 17.51 -6.71 -8.76
CA ILE A 278 17.09 -6.05 -9.98
C ILE A 278 15.79 -5.26 -9.80
N SER A 279 15.79 -4.04 -10.30
CA SER A 279 14.60 -3.19 -10.22
C SER A 279 13.56 -3.65 -11.23
N ALA A 280 12.42 -2.98 -11.24
CA ALA A 280 11.34 -3.34 -12.16
C ALA A 280 11.72 -2.95 -13.59
N LYS A 281 12.16 -1.71 -13.77
CA LYS A 281 12.51 -1.19 -15.09
C LYS A 281 13.66 -2.00 -15.71
N ALA A 282 14.51 -2.58 -14.88
CA ALA A 282 15.61 -3.39 -15.36
C ALA A 282 15.15 -4.81 -15.67
N ALA A 283 13.98 -5.17 -15.15
CA ALA A 283 13.42 -6.49 -15.39
C ALA A 283 12.72 -6.58 -16.73
N LEU A 284 12.00 -5.52 -17.10
CA LEU A 284 11.21 -5.49 -18.33
C LEU A 284 12.01 -5.79 -19.59
N ALA A 285 13.30 -5.44 -19.58
CA ALA A 285 14.14 -5.60 -20.76
C ALA A 285 14.92 -6.91 -20.78
N HIS A 286 14.76 -7.72 -19.74
CA HIS A 286 15.48 -8.99 -19.63
C HIS A 286 15.20 -9.90 -20.83
N PRO A 287 16.24 -10.61 -21.31
CA PRO A 287 16.14 -11.51 -22.46
C PRO A 287 15.04 -12.58 -22.33
N PHE A 288 14.59 -12.85 -21.11
CA PHE A 288 13.49 -13.76 -20.88
C PHE A 288 12.21 -13.23 -21.52
N PHE A 289 12.15 -11.93 -21.72
CA PHE A 289 10.96 -11.26 -22.22
C PHE A 289 10.96 -11.06 -23.73
N GLN A 290 11.97 -11.61 -24.40
CA GLN A 290 12.00 -11.57 -25.87
C GLN A 290 10.74 -12.19 -26.48
N ASP A 291 10.22 -13.21 -25.81
CA ASP A 291 9.08 -13.98 -26.31
C ASP A 291 7.73 -13.51 -25.76
N VAL A 292 7.73 -12.39 -25.03
CA VAL A 292 6.52 -11.91 -24.35
C VAL A 292 5.36 -11.77 -25.32
N THR A 293 4.16 -12.14 -24.89
CA THR A 293 2.99 -12.11 -25.74
C THR A 293 1.79 -11.64 -24.91
N LYS A 294 0.60 -11.68 -25.48
CA LYS A 294 -0.63 -11.36 -24.74
C LYS A 294 -1.74 -12.35 -25.08
N PRO A 295 -1.60 -13.60 -24.63
CA PRO A 295 -2.60 -14.64 -24.93
C PRO A 295 -3.92 -14.40 -24.19
N GLN B 14 1.40 27.51 -4.73
CA GLN B 14 0.49 27.73 -5.84
C GLN B 14 -0.48 28.87 -5.54
N ARG B 15 -0.51 29.30 -4.29
CA ARG B 15 -1.22 30.52 -3.92
C ARG B 15 -0.36 31.30 -2.91
N GLN B 16 -0.40 32.62 -3.01
CA GLN B 16 0.58 33.48 -2.36
C GLN B 16 0.20 34.00 -0.97
N ASP B 17 -1.01 33.67 -0.49
CA ASP B 17 -1.44 34.25 0.77
C ASP B 17 -0.85 33.50 1.95
N MET B 18 -1.41 32.33 2.26
CA MET B 18 -0.79 31.37 3.18
C MET B 18 -0.61 31.91 4.61
N THR B 19 -0.82 33.21 4.78
CA THR B 19 -0.52 33.90 6.04
C THR B 19 -1.46 33.48 7.16
N ALA B 20 -2.68 33.11 6.81
CA ALA B 20 -3.66 32.66 7.79
C ALA B 20 -3.25 31.33 8.39
N PHE B 21 -2.39 30.59 7.69
CA PHE B 21 -1.94 29.29 8.16
C PHE B 21 -0.82 29.41 9.19
N PHE B 22 0.03 30.42 9.06
CA PHE B 22 1.13 30.62 10.01
C PHE B 22 0.63 31.20 11.32
N LYS B 23 -0.56 31.79 11.29
CA LYS B 23 -1.15 32.41 12.47
C LYS B 23 -1.38 31.39 13.58
N LEU B 24 -1.56 30.12 13.19
CA LEU B 24 -1.80 29.06 14.14
C LEU B 24 -0.59 28.77 15.03
N PHE B 25 0.60 29.07 14.54
CA PHE B 25 1.82 28.70 15.24
C PHE B 25 2.30 29.75 16.23
N ASP B 26 1.60 30.89 16.25
CA ASP B 26 1.81 31.88 17.29
C ASP B 26 0.88 31.62 18.47
N ASP B 27 -0.05 30.68 18.27
CA ASP B 27 -1.00 30.30 19.30
C ASP B 27 -0.29 29.56 20.42
N ASP B 28 -0.92 29.53 21.60
CA ASP B 28 -0.29 28.95 22.78
C ASP B 28 -0.27 27.43 22.74
N LEU B 29 -1.45 26.82 22.75
CA LEU B 29 -1.58 25.37 22.75
C LEU B 29 -0.78 24.73 21.62
N ILE B 30 -0.70 25.41 20.48
CA ILE B 30 0.09 24.94 19.36
C ILE B 30 1.59 24.99 19.67
N GLN B 31 2.07 26.13 20.15
CA GLN B 31 3.47 26.30 20.49
C GLN B 31 3.93 25.27 21.52
N ASP B 32 3.15 25.13 22.59
CA ASP B 32 3.44 24.15 23.62
C ASP B 32 3.31 22.73 23.09
N PHE B 33 2.46 22.54 22.09
CA PHE B 33 2.31 21.24 21.44
C PHE B 33 3.57 20.86 20.67
N LEU B 34 4.19 21.86 20.04
CA LEU B 34 5.43 21.63 19.31
C LEU B 34 6.59 21.47 20.28
N TRP B 35 6.54 22.18 21.39
CA TRP B 35 7.55 22.04 22.44
C TRP B 35 7.49 20.64 23.04
N MET B 36 6.28 20.12 23.18
CA MET B 36 6.06 18.74 23.61
C MET B 36 6.71 17.77 22.63
N ASP B 37 6.64 18.10 21.35
CA ASP B 37 7.22 17.24 20.32
C ASP B 37 8.73 17.38 20.33
N CYS B 38 9.41 16.26 20.56
CA CYS B 38 10.85 16.27 20.79
C CYS B 38 11.62 15.97 19.52
N CYS B 39 11.48 14.74 19.04
CA CYS B 39 12.20 14.26 17.87
C CYS B 39 11.45 14.52 16.59
N CYS B 40 10.37 15.29 16.71
CA CYS B 40 9.49 15.64 15.58
C CYS B 40 8.78 14.39 15.08
N LYS B 41 8.37 13.54 16.01
CA LYS B 41 7.66 12.32 15.68
C LYS B 41 6.24 12.61 15.17
N ILE B 42 5.46 13.34 15.97
CA ILE B 42 4.08 13.65 15.59
C ILE B 42 3.98 14.82 14.61
N ALA B 43 4.73 15.89 14.85
CA ALA B 43 4.77 16.96 13.86
C ALA B 43 6.17 17.10 13.27
N ASP B 44 6.34 16.60 12.06
CA ASP B 44 7.51 16.85 11.24
C ASP B 44 7.35 18.15 10.48
N LYS B 45 8.46 18.76 10.06
CA LYS B 45 8.38 19.91 9.16
C LYS B 45 7.62 19.54 7.89
N TYR B 46 7.64 18.26 7.53
CA TYR B 46 6.89 17.74 6.40
C TYR B 46 5.41 17.61 6.73
N LEU B 47 5.12 17.01 7.89
CA LEU B 47 3.74 16.79 8.31
C LEU B 47 3.01 18.11 8.54
N LEU B 48 3.76 19.14 8.91
CA LEU B 48 3.18 20.46 9.11
C LEU B 48 3.01 21.18 7.78
N ALA B 49 3.71 20.69 6.76
CA ALA B 49 3.49 21.15 5.39
C ALA B 49 2.28 20.42 4.80
N MET B 50 2.18 19.13 5.09
CA MET B 50 1.07 18.30 4.63
C MET B 50 -0.24 18.78 5.23
N THR B 51 -0.20 19.20 6.48
CA THR B 51 -1.39 19.71 7.18
C THR B 51 -1.86 21.00 6.52
N PHE B 52 -0.95 21.69 5.83
CA PHE B 52 -1.30 22.86 5.03
C PHE B 52 -1.86 22.49 3.67
N VAL B 53 -1.23 21.50 3.04
CA VAL B 53 -1.69 21.00 1.75
C VAL B 53 -3.15 20.54 1.87
N TYR B 54 -3.46 19.91 2.99
CA TYR B 54 -4.82 19.48 3.28
C TYR B 54 -5.76 20.68 3.42
N PHE B 55 -5.23 21.78 3.95
CA PHE B 55 -6.01 23.01 4.09
C PHE B 55 -6.36 23.56 2.71
N LYS B 56 -5.39 23.54 1.80
CA LYS B 56 -5.66 23.98 0.43
C LYS B 56 -6.67 23.07 -0.26
N ARG B 57 -6.42 21.76 -0.20
CA ARG B 57 -7.26 20.78 -0.88
C ARG B 57 -8.72 20.85 -0.43
N ALA B 58 -8.92 21.15 0.86
CA ALA B 58 -10.26 21.25 1.41
C ALA B 58 -10.85 22.63 1.15
N LYS B 59 -10.01 23.54 0.65
CA LYS B 59 -10.39 24.93 0.42
C LYS B 59 -11.00 25.56 1.66
N PHE B 60 -10.21 25.65 2.72
CA PHE B 60 -10.65 26.27 3.96
C PHE B 60 -10.72 27.78 3.82
N THR B 61 -11.65 28.41 4.52
CA THR B 61 -11.68 29.86 4.61
C THR B 61 -10.75 30.29 5.73
N ILE B 62 -10.63 31.59 5.95
CA ILE B 62 -9.83 32.11 7.05
C ILE B 62 -10.50 31.73 8.36
N SER B 63 -11.83 31.78 8.36
CA SER B 63 -12.64 31.39 9.52
C SER B 63 -12.43 29.92 9.81
N GLU B 64 -12.10 29.17 8.77
CA GLU B 64 -11.96 27.73 8.91
C GLU B 64 -10.54 27.28 9.32
N HIS B 65 -9.57 28.17 9.55
CA HIS B 65 -8.39 27.56 10.14
C HIS B 65 -8.36 27.90 11.61
N THR B 66 -8.18 26.86 12.41
CA THR B 66 -8.29 26.91 13.85
C THR B 66 -7.60 25.71 14.43
N ARG B 67 -7.68 25.57 15.75
CA ARG B 67 -7.02 24.50 16.49
C ARG B 67 -7.45 23.10 16.06
N ILE B 68 -8.76 22.86 16.11
CA ILE B 68 -9.30 21.53 15.81
C ILE B 68 -9.04 21.14 14.36
N ASN B 69 -9.24 22.07 13.44
CA ASN B 69 -9.06 21.78 12.01
C ASN B 69 -7.59 21.58 11.65
N PHE B 70 -6.69 22.00 12.54
CA PHE B 70 -5.27 21.75 12.37
C PHE B 70 -4.91 20.32 12.82
N PHE B 71 -5.13 20.06 14.10
CA PHE B 71 -4.89 18.74 14.68
C PHE B 71 -5.57 17.62 13.89
N ILE B 72 -6.76 17.90 13.38
CA ILE B 72 -7.52 16.91 12.62
C ILE B 72 -6.81 16.55 11.32
N ALA B 73 -6.10 17.51 10.74
CA ALA B 73 -5.34 17.27 9.52
C ALA B 73 -4.01 16.60 9.84
N LEU B 74 -3.40 17.02 10.95
CA LEU B 74 -2.14 16.45 11.39
C LEU B 74 -2.28 14.96 11.69
N TYR B 75 -3.43 14.60 12.25
CA TYR B 75 -3.72 13.20 12.57
C TYR B 75 -3.84 12.38 11.29
N LEU B 76 -4.39 13.00 10.24
CA LEU B 76 -4.56 12.33 8.96
C LEU B 76 -3.21 12.15 8.26
N ALA B 77 -2.42 13.20 8.23
CA ALA B 77 -1.07 13.13 7.67
C ALA B 77 -0.24 12.08 8.40
N ASN B 78 -0.43 12.02 9.72
CA ASN B 78 0.25 11.03 10.55
C ASN B 78 -0.16 9.61 10.21
N THR B 79 -1.47 9.33 10.19
CA THR B 79 -1.94 7.98 9.93
C THR B 79 -1.61 7.55 8.49
N VAL B 80 -1.47 8.51 7.59
CA VAL B 80 -1.07 8.20 6.21
C VAL B 80 0.43 7.91 6.05
N GLU B 81 1.27 8.82 6.53
CA GLU B 81 2.70 8.77 6.22
C GLU B 81 3.54 8.10 7.31
N GLU B 82 2.93 7.73 8.43
CA GLU B 82 3.66 7.14 9.54
C GLU B 82 3.15 5.74 9.86
N ASP B 83 4.05 4.76 9.83
CA ASP B 83 3.69 3.38 10.13
C ASP B 83 3.65 3.13 11.64
N GLU B 84 4.18 4.06 12.41
CA GLU B 84 4.08 3.95 13.86
C GLU B 84 2.68 4.40 14.24
N GLU B 85 1.91 3.47 14.80
CA GLU B 85 0.46 3.67 14.94
C GLU B 85 0.05 4.13 16.33
N GLU B 86 1.03 4.36 17.19
CA GLU B 86 0.75 4.70 18.58
C GLU B 86 0.93 6.20 18.88
N THR B 87 2.14 6.70 18.66
CA THR B 87 2.51 8.08 19.01
C THR B 87 1.49 9.12 18.56
N LYS B 88 0.90 8.92 17.38
CA LYS B 88 -0.06 9.88 16.83
C LYS B 88 -1.32 10.05 17.69
N TYR B 89 -1.54 9.12 18.63
CA TYR B 89 -2.66 9.25 19.56
C TYR B 89 -2.46 10.43 20.49
N GLU B 90 -1.21 10.82 20.71
CA GLU B 90 -0.85 11.82 21.70
C GLU B 90 -1.45 13.20 21.39
N ILE B 91 -2.00 13.35 20.19
CA ILE B 91 -2.67 14.58 19.79
C ILE B 91 -3.96 14.80 20.56
N PHE B 92 -4.61 13.70 20.95
CA PHE B 92 -5.95 13.76 21.56
C PHE B 92 -6.09 14.67 22.80
N PRO B 93 -5.18 14.55 23.79
CA PRO B 93 -5.36 15.41 24.97
C PRO B 93 -5.25 16.90 24.67
N TRP B 94 -4.44 17.24 23.69
CA TRP B 94 -4.22 18.64 23.33
C TRP B 94 -5.42 19.23 22.59
N ALA B 95 -6.01 18.45 21.70
CA ALA B 95 -7.16 18.91 20.93
C ALA B 95 -8.44 18.96 21.75
N LEU B 96 -8.75 17.85 22.41
CA LEU B 96 -10.06 17.65 23.02
C LEU B 96 -10.12 18.00 24.51
N GLY B 97 -9.02 18.50 25.07
CA GLY B 97 -9.02 18.88 26.47
C GLY B 97 -8.75 17.71 27.41
N LYS B 98 -9.43 17.70 28.55
CA LYS B 98 -9.17 16.72 29.60
C LYS B 98 -9.68 15.36 29.15
N ASN B 99 -10.99 15.20 29.03
CA ASN B 99 -11.50 13.90 28.63
C ASN B 99 -11.69 13.84 27.12
N TRP B 100 -10.74 13.18 26.47
CA TRP B 100 -10.81 12.77 25.09
C TRP B 100 -11.14 11.29 25.00
N ARG B 101 -11.23 10.67 26.18
CA ARG B 101 -11.17 9.22 26.32
C ARG B 101 -12.26 8.53 25.52
N LYS B 102 -13.50 8.95 25.72
CA LYS B 102 -14.58 8.58 24.80
C LYS B 102 -14.90 9.73 23.83
N LEU B 103 -14.13 10.81 23.91
CA LEU B 103 -14.35 11.95 23.01
C LEU B 103 -13.44 11.92 21.77
N PHE B 104 -12.53 10.95 21.70
CA PHE B 104 -11.74 10.76 20.48
C PHE B 104 -12.51 10.23 19.24
N PRO B 105 -13.52 9.35 19.41
CA PRO B 105 -14.16 8.84 18.19
C PRO B 105 -14.82 9.89 17.31
N ASN B 106 -15.55 10.83 17.90
CA ASN B 106 -16.21 11.86 17.11
C ASN B 106 -15.19 12.84 16.54
N PHE B 107 -13.96 12.75 17.06
CA PHE B 107 -12.81 13.43 16.47
C PHE B 107 -12.38 12.66 15.21
N LEU B 108 -12.35 11.34 15.33
CA LEU B 108 -11.99 10.49 14.20
C LEU B 108 -12.96 10.66 13.03
N LYS B 109 -14.24 10.77 13.34
CA LYS B 109 -15.25 10.97 12.30
C LYS B 109 -15.08 12.33 11.65
N LEU B 110 -14.56 13.29 12.42
CA LEU B 110 -14.23 14.61 11.87
C LEU B 110 -13.06 14.49 10.91
N ARG B 111 -12.09 13.64 11.27
CA ARG B 111 -10.97 13.34 10.38
C ARG B 111 -11.48 12.75 9.07
N ASP B 112 -12.42 11.82 9.19
CA ASP B 112 -13.00 11.17 8.03
C ASP B 112 -13.77 12.17 7.16
N GLN B 113 -14.41 13.15 7.80
CA GLN B 113 -15.11 14.20 7.08
C GLN B 113 -14.15 15.11 6.33
N LEU B 114 -13.04 15.46 6.98
CA LEU B 114 -11.99 16.24 6.32
C LEU B 114 -11.48 15.48 5.12
N TRP B 115 -11.32 14.18 5.29
CA TRP B 115 -10.90 13.30 4.20
C TRP B 115 -11.93 13.30 3.07
N ASP B 116 -13.20 13.43 3.45
CA ASP B 116 -14.29 13.50 2.48
C ASP B 116 -14.27 14.82 1.73
N ARG B 117 -13.76 15.86 2.37
CA ARG B 117 -13.75 17.21 1.79
C ARG B 117 -12.65 17.41 0.76
N ILE B 118 -11.50 16.77 0.97
CA ILE B 118 -10.34 16.94 0.11
C ILE B 118 -10.39 15.98 -1.07
N ASP B 119 -11.51 15.25 -1.17
CA ASP B 119 -11.72 14.24 -2.20
C ASP B 119 -10.72 13.09 -2.07
N TYR B 120 -10.51 12.68 -0.82
CA TYR B 120 -9.81 11.43 -0.50
C TYR B 120 -8.32 11.36 -0.83
N ARG B 121 -7.75 12.39 -1.44
CA ARG B 121 -6.33 12.30 -1.69
C ARG B 121 -5.57 12.91 -0.52
N ALA B 122 -5.05 12.02 0.32
CA ALA B 122 -4.18 12.39 1.43
C ALA B 122 -2.73 12.47 0.99
N ILE B 123 -2.39 11.70 -0.05
CA ILE B 123 -1.01 11.52 -0.44
C ILE B 123 -0.42 12.80 -1.02
N VAL B 124 0.67 13.26 -0.41
CA VAL B 124 1.36 14.46 -0.85
C VAL B 124 2.81 14.13 -1.17
N SER B 125 3.23 14.45 -2.38
CA SER B 125 4.60 14.14 -2.82
C SER B 125 5.63 14.97 -2.06
N ARG B 126 6.84 14.43 -1.96
CA ARG B 126 7.94 15.10 -1.28
C ARG B 126 8.23 16.47 -1.89
N ARG B 127 8.29 16.53 -3.22
CA ARG B 127 8.57 17.77 -3.91
C ARG B 127 7.50 18.83 -3.65
N CYS B 128 6.24 18.38 -3.61
CA CYS B 128 5.12 19.28 -3.31
C CYS B 128 5.21 19.77 -1.88
N CYS B 129 5.73 18.92 -0.99
CA CYS B 129 5.91 19.29 0.41
C CYS B 129 7.01 20.34 0.54
N GLU B 130 8.08 20.17 -0.23
CA GLU B 130 9.21 21.09 -0.19
C GLU B 130 8.90 22.41 -0.89
N GLU B 131 7.93 22.38 -1.79
CA GLU B 131 7.58 23.57 -2.58
C GLU B 131 6.72 24.55 -1.78
N VAL B 132 5.98 24.04 -0.79
CA VAL B 132 5.16 24.91 0.03
C VAL B 132 5.97 25.54 1.17
N MET B 133 7.15 24.98 1.44
CA MET B 133 8.05 25.59 2.42
C MET B 133 9.08 26.45 1.70
N ALA B 134 9.01 26.47 0.37
CA ALA B 134 9.91 27.26 -0.44
C ALA B 134 9.51 28.73 -0.43
N ILE B 135 8.37 29.03 0.19
CA ILE B 135 7.85 30.39 0.25
C ILE B 135 8.65 31.26 1.23
N ALA B 136 8.55 30.94 2.52
CA ALA B 136 9.28 31.68 3.55
C ALA B 136 10.11 30.76 4.43
N PRO B 137 11.22 30.23 3.89
CA PRO B 137 12.07 29.27 4.58
C PRO B 137 12.61 29.78 5.91
N THR B 138 12.59 31.09 6.09
CA THR B 138 13.04 31.73 7.32
C THR B 138 12.21 31.30 8.53
N HIS B 139 10.99 30.82 8.28
CA HIS B 139 10.09 30.41 9.35
C HIS B 139 10.68 29.22 10.10
N TYR B 140 10.48 29.18 11.42
CA TYR B 140 11.16 28.22 12.29
C TYR B 140 10.71 26.77 12.06
N ILE B 141 9.42 26.59 11.73
CA ILE B 141 8.81 25.28 11.56
C ILE B 141 9.62 24.33 10.68
N TRP B 142 10.15 24.88 9.60
CA TRP B 142 10.75 24.09 8.55
C TRP B 142 12.22 23.76 8.87
N GLN B 143 12.67 24.21 10.04
CA GLN B 143 13.97 23.80 10.56
C GLN B 143 13.87 22.62 11.53
N ARG B 144 12.66 22.09 11.74
CA ARG B 144 12.48 20.94 12.61
C ARG B 144 12.48 19.64 11.82
N GLU B 145 13.52 18.82 12.00
CA GLU B 145 13.65 17.58 11.25
C GLU B 145 14.27 16.48 12.11
N ARG B 146 13.87 15.24 11.87
CA ARG B 146 14.41 14.11 12.62
C ARG B 146 15.54 13.41 11.87
N SER B 147 16.17 12.46 12.54
CA SER B 147 17.17 11.60 11.91
C SER B 147 17.28 10.27 12.66
N VAL B 148 17.61 9.21 11.92
CA VAL B 148 17.83 7.88 12.48
C VAL B 148 16.71 7.42 13.40
N ASP C 54 -24.26 16.73 -0.80
CA ASP C 54 -22.87 16.33 -0.93
C ASP C 54 -22.69 15.28 -2.03
N MET C 55 -21.73 14.37 -1.84
CA MET C 55 -21.36 13.44 -2.90
C MET C 55 -22.08 12.08 -2.87
N GLU C 56 -22.81 11.78 -1.80
CA GLU C 56 -23.43 10.46 -1.70
C GLU C 56 -24.70 10.39 -2.54
N GLU C 57 -25.34 11.53 -2.77
CA GLU C 57 -26.47 11.59 -3.69
C GLU C 57 -25.96 11.52 -5.13
N ALA C 58 -24.76 12.04 -5.35
CA ALA C 58 -24.12 11.98 -6.65
C ALA C 58 -23.63 10.57 -6.95
N SER C 59 -23.01 9.95 -5.94
CA SER C 59 -22.61 8.55 -6.04
C SER C 59 -23.83 7.67 -6.23
N GLN C 60 -24.93 8.07 -5.61
CA GLN C 60 -26.20 7.39 -5.79
C GLN C 60 -26.66 7.51 -7.24
N ARG C 61 -26.51 8.71 -7.79
CA ARG C 61 -26.88 9.02 -9.15
C ARG C 61 -26.12 8.14 -10.15
N LYS C 62 -24.80 8.13 -10.00
CA LYS C 62 -23.94 7.31 -10.85
C LYS C 62 -24.19 5.82 -10.69
N TRP C 63 -24.08 5.35 -9.46
CA TRP C 63 -24.07 3.90 -9.21
C TRP C 63 -25.43 3.28 -9.01
N ASN C 64 -26.48 4.05 -9.28
CA ASN C 64 -27.80 3.49 -9.54
C ASN C 64 -28.31 2.72 -8.31
N PHE C 65 -28.19 3.39 -7.17
CA PHE C 65 -28.29 2.75 -5.86
C PHE C 65 -28.20 3.83 -4.74
N ASP C 66 -28.89 3.64 -3.61
CA ASP C 66 -28.90 4.67 -2.55
C ASP C 66 -27.95 4.33 -1.41
N PHE C 67 -27.40 3.14 -1.51
CA PHE C 67 -26.47 2.52 -0.55
C PHE C 67 -27.22 2.06 0.71
N GLN C 68 -28.31 2.75 1.03
CA GLN C 68 -29.61 2.20 1.40
C GLN C 68 -29.57 0.87 2.17
N ASN C 69 -30.18 -0.15 1.56
CA ASN C 69 -30.45 -1.47 2.12
C ASN C 69 -29.26 -2.37 1.82
N HIS C 70 -28.36 -1.86 0.99
CA HIS C 70 -27.20 -2.56 0.42
C HIS C 70 -27.59 -3.46 -0.76
N LYS C 71 -28.89 -3.75 -0.93
CA LYS C 71 -29.32 -4.35 -2.18
C LYS C 71 -30.66 -3.87 -2.77
N PRO C 72 -30.81 -2.56 -3.03
CA PRO C 72 -31.74 -2.09 -4.06
C PRO C 72 -31.06 -1.84 -5.42
N LEU C 73 -31.84 -1.37 -6.38
CA LEU C 73 -31.34 -1.00 -7.70
C LEU C 73 -32.22 0.09 -8.30
N GLU C 74 -31.82 0.65 -9.44
CA GLU C 74 -32.66 1.58 -10.18
C GLU C 74 -32.68 1.24 -11.68
N GLY C 75 -31.57 1.46 -12.36
CA GLY C 75 -31.50 1.19 -13.80
C GLY C 75 -30.22 1.79 -14.30
N LYS C 76 -29.84 1.55 -15.57
CA LYS C 76 -28.59 2.02 -16.24
C LYS C 76 -27.35 1.23 -15.81
N TYR C 77 -27.47 0.53 -14.69
CA TYR C 77 -26.50 -0.49 -14.29
C TYR C 77 -27.28 -1.75 -13.94
N GLU C 78 -26.69 -2.91 -14.17
CA GLU C 78 -27.35 -4.15 -13.80
C GLU C 78 -26.73 -4.68 -12.52
N TRP C 79 -27.46 -4.57 -11.41
CA TRP C 79 -26.91 -4.99 -10.12
C TRP C 79 -27.46 -6.34 -9.72
N GLN C 80 -26.57 -7.20 -9.23
CA GLN C 80 -26.94 -8.55 -8.83
C GLN C 80 -26.76 -8.71 -7.33
N GLU C 81 -26.97 -9.93 -6.85
CA GLU C 81 -26.37 -10.37 -5.61
C GLU C 81 -25.86 -11.79 -5.81
N VAL C 82 -24.55 -11.96 -5.71
CA VAL C 82 -23.93 -13.24 -6.03
C VAL C 82 -23.52 -13.99 -4.76
N GLU C 83 -23.06 -15.23 -4.91
CA GLU C 83 -22.53 -15.99 -3.78
C GLU C 83 -21.08 -15.63 -3.55
N LYS C 84 -20.72 -15.45 -2.28
CA LYS C 84 -19.36 -15.04 -1.91
C LYS C 84 -18.30 -15.98 -2.50
N GLY C 85 -18.67 -17.24 -2.68
CA GLY C 85 -17.75 -18.25 -3.18
C GLY C 85 -17.25 -18.04 -4.59
N SER C 86 -17.96 -17.25 -5.38
CA SER C 86 -17.58 -17.01 -6.77
C SER C 86 -16.67 -15.78 -6.91
N LEU C 87 -16.52 -15.02 -5.84
CA LEU C 87 -15.71 -13.81 -5.88
C LEU C 87 -14.26 -14.12 -5.50
N PRO C 88 -13.30 -13.44 -6.16
CA PRO C 88 -11.87 -13.74 -5.93
C PRO C 88 -11.32 -13.26 -4.60
N GLU C 89 -12.04 -13.55 -3.52
CA GLU C 89 -11.55 -13.44 -2.15
C GLU C 89 -11.23 -12.01 -1.69
N PHE C 90 -11.01 -11.10 -2.64
CA PHE C 90 -10.63 -9.74 -2.30
C PHE C 90 -11.85 -8.86 -2.03
N TYR C 91 -12.93 -9.13 -2.75
CA TYR C 91 -14.09 -8.27 -2.74
C TYR C 91 -14.95 -8.44 -1.48
N TYR C 92 -14.98 -9.66 -0.93
CA TYR C 92 -15.62 -9.84 0.37
C TYR C 92 -14.60 -9.84 1.50
N ARG C 93 -13.33 -9.62 1.16
CA ARG C 93 -12.26 -9.54 2.15
C ARG C 93 -12.48 -8.36 3.10
N PRO C 94 -12.59 -8.65 4.40
CA PRO C 94 -12.74 -7.62 5.43
C PRO C 94 -11.45 -6.81 5.60
N PRO C 95 -11.46 -5.79 6.46
CA PRO C 95 -10.20 -5.11 6.78
C PRO C 95 -9.25 -6.00 7.58
N ARG C 96 -8.13 -5.47 8.02
CA ARG C 96 -7.17 -6.25 8.77
C ARG C 96 -6.91 -5.64 10.14
N PRO C 97 -6.72 -6.49 11.16
CA PRO C 97 -6.45 -6.00 12.51
C PRO C 97 -5.11 -5.27 12.60
N PRO C 98 -5.12 -4.06 13.18
CA PRO C 98 -3.90 -3.26 13.33
C PRO C 98 -2.90 -3.88 14.30
N LYS C 99 -3.41 -4.40 15.42
CA LYS C 99 -2.59 -4.97 16.49
C LYS C 99 -1.40 -4.09 16.87
#